data_7N8L
#
_entry.id   7N8L
#
_cell.length_a   134.746
_cell.length_b   63.474
_cell.length_c   79.868
_cell.angle_alpha   90.000
_cell.angle_beta   123.506
_cell.angle_gamma   90.000
#
_symmetry.space_group_name_H-M   'C 1 2 1'
#
loop_
_entity.id
_entity.type
_entity.pdbx_description
1 polymer "4'-phosphopantetheinyl transferase PptT"
2 non-polymer 'COENZYME A'
3 non-polymer "N-(2,6-diethylphenyl)-N'-(N-propylcarbamimidoyl)urea"
4 non-polymer 'MAGNESIUM ION'
5 non-polymer GLYCEROL
6 non-polymer 'DIMETHYL SULFOXIDE'
7 water water
#
_entity_poly.entity_id   1
_entity_poly.type   'polypeptide(L)'
_entity_poly.pdbx_seq_one_letter_code
;MTVGTLVASVLPATVFEDLAYAELYSDPPGLTPLPEEAPLIARSVAKRRNEFITVRHCARIALDQLGVPPAPILKGDKGE
PCWPDGMVGSLTHCAGYRGAVVGRRDAVRSVGIDAEPHDVLPNGVLDAISLPAERADMPRTMPAALHWDRILFCAKEATY
KAWFPLTKRWLGFEDAHITFETDSTGWTGRFVSRILIDGSTLSGPPLTTLRGRWSVERGLVLTAIVLAGENLYFQSAGHH
HHHH
;
_entity_poly.pdbx_strand_id   A,B
#
loop_
_chem_comp.id
_chem_comp.type
_chem_comp.name
_chem_comp.formula
10I non-polymer N-(2,6-diethylphenyl)-N'-(N-propylcarbamimidoyl)urea 'C15 H24 N4 O'
COA non-polymer 'COENZYME A' 'C21 H36 N7 O16 P3 S'
DMS non-polymer 'DIMETHYL SULFOXIDE' 'C2 H6 O S'
GOL non-polymer GLYCEROL 'C3 H8 O3'
MG non-polymer 'MAGNESIUM ION' 'Mg 2'
#
# COMPACT_ATOMS: atom_id res chain seq x y z
N THR A 5 20.71 -6.81 -20.76
CA THR A 5 19.50 -6.34 -20.10
C THR A 5 19.35 -6.93 -18.71
N LEU A 6 18.62 -6.22 -17.85
CA LEU A 6 18.39 -6.70 -16.49
C LEU A 6 17.35 -7.82 -16.45
N VAL A 7 16.29 -7.71 -17.27
CA VAL A 7 15.20 -8.66 -17.19
C VAL A 7 15.58 -10.02 -17.76
N ALA A 8 16.58 -10.08 -18.64
CA ALA A 8 17.01 -11.38 -19.17
C ALA A 8 17.55 -12.27 -18.06
N SER A 9 18.07 -11.68 -16.99
CA SER A 9 18.59 -12.46 -15.87
C SER A 9 17.51 -13.20 -15.11
N VAL A 10 16.25 -12.80 -15.27
CA VAL A 10 15.12 -13.45 -14.59
C VAL A 10 14.19 -14.14 -15.58
N LEU A 11 14.63 -14.34 -16.81
CA LEU A 11 13.84 -15.08 -17.77
C LEU A 11 14.52 -16.40 -18.12
N PRO A 12 13.76 -17.43 -18.52
CA PRO A 12 14.38 -18.71 -18.89
C PRO A 12 15.08 -18.65 -20.24
C GLU A 17 9.93 -17.56 -29.96
N ASP A 18 9.54 -17.83 -28.72
CA ASP A 18 8.18 -17.58 -28.25
C ASP A 18 8.12 -16.48 -27.20
N LEU A 19 9.25 -15.93 -26.78
CA LEU A 19 9.29 -14.96 -25.69
C LEU A 19 10.28 -13.86 -26.04
N ALA A 20 9.88 -12.61 -25.77
CA ALA A 20 10.71 -11.45 -26.11
C ALA A 20 10.58 -10.41 -25.01
N TYR A 21 11.57 -9.53 -24.95
CA TYR A 21 11.60 -8.49 -23.94
C TYR A 21 12.29 -7.25 -24.50
N ALA A 22 12.14 -6.14 -23.78
CA ALA A 22 12.76 -4.88 -24.10
C ALA A 22 12.62 -3.96 -22.90
N GLU A 23 13.68 -3.24 -22.55
CA GLU A 23 13.66 -2.36 -21.40
C GLU A 23 14.41 -1.08 -21.70
N LEU A 24 14.03 -0.01 -20.99
CA LEU A 24 14.70 1.27 -21.09
C LEU A 24 14.83 1.85 -19.70
N TYR A 25 15.89 2.63 -19.48
CA TYR A 25 16.22 3.15 -18.16
C TYR A 25 15.95 4.64 -18.03
N SER A 26 15.50 5.29 -19.10
CA SER A 26 15.08 6.68 -19.05
C SER A 26 13.93 6.85 -20.03
N ASP A 27 13.44 8.09 -20.14
CA ASP A 27 12.33 8.40 -21.03
C ASP A 27 12.87 9.18 -22.23
N PRO A 28 13.08 8.52 -23.37
CA PRO A 28 13.72 9.20 -24.50
C PRO A 28 12.79 10.21 -25.13
N PRO A 29 13.29 11.39 -25.48
CA PRO A 29 12.47 12.38 -26.17
C PRO A 29 12.09 11.90 -27.56
N GLY A 30 10.95 12.39 -28.03
CA GLY A 30 10.44 12.05 -29.34
C GLY A 30 9.37 10.98 -29.35
N LEU A 31 9.33 10.14 -28.32
CA LEU A 31 8.32 9.09 -28.27
C LEU A 31 6.94 9.69 -28.02
N THR A 32 5.96 9.17 -28.76
CA THR A 32 4.57 9.56 -28.63
C THR A 32 3.73 8.30 -28.45
N PRO A 33 2.57 8.41 -27.82
CA PRO A 33 1.67 7.26 -27.72
C PRO A 33 0.90 7.09 -29.02
N LEU A 34 0.43 5.86 -29.23
CA LEU A 34 -0.48 5.65 -30.34
C LEU A 34 -1.79 6.38 -30.07
N PRO A 35 -2.45 6.90 -31.12
CA PRO A 35 -3.66 7.71 -30.89
C PRO A 35 -4.72 7.02 -30.06
N GLU A 36 -4.86 5.70 -30.19
CA GLU A 36 -5.78 4.97 -29.32
C GLU A 36 -5.37 5.08 -27.85
N GLU A 37 -4.07 5.11 -27.58
CA GLU A 37 -3.58 5.17 -26.21
C GLU A 37 -3.70 6.56 -25.60
N ALA A 38 -3.69 7.60 -26.45
CA ALA A 38 -3.65 8.99 -25.97
C ALA A 38 -4.70 9.35 -24.94
N PRO A 39 -5.99 8.98 -25.08
CA PRO A 39 -6.97 9.41 -24.06
C PRO A 39 -6.68 8.88 -22.66
N LEU A 40 -5.97 7.75 -22.55
CA LEU A 40 -5.71 7.17 -21.24
C LEU A 40 -4.78 8.03 -20.39
N ILE A 41 -4.07 8.97 -20.99
CA ILE A 41 -3.18 9.88 -20.25
C ILE A 41 -3.47 11.31 -20.67
N ALA A 42 -4.74 11.60 -20.99
CA ALA A 42 -5.10 12.92 -21.48
C ALA A 42 -4.83 13.99 -20.43
N ARG A 43 -5.15 13.71 -19.17
CA ARG A 43 -4.99 14.67 -18.08
C ARG A 43 -4.14 14.09 -16.96
N SER A 44 -3.11 13.33 -17.31
CA SER A 44 -2.20 12.74 -16.34
C SER A 44 -0.95 13.59 -16.21
N VAL A 45 -0.33 13.51 -15.02
CA VAL A 45 0.91 14.25 -14.79
C VAL A 45 2.01 13.75 -15.71
N ALA A 46 3.07 14.57 -15.85
CA ALA A 46 4.13 14.28 -16.79
C ALA A 46 4.84 12.97 -16.47
N LYS A 47 5.10 12.71 -15.18
CA LYS A 47 5.75 11.46 -14.80
C LYS A 47 4.94 10.25 -15.24
N ARG A 48 3.62 10.31 -15.09
CA ARG A 48 2.77 9.22 -15.54
C ARG A 48 2.77 9.12 -17.07
N ARG A 49 2.68 10.25 -17.75
CA ARG A 49 2.66 10.25 -19.21
C ARG A 49 3.92 9.62 -19.77
N ASN A 50 5.08 10.00 -19.23
CA ASN A 50 6.35 9.51 -19.78
C ASN A 50 6.50 8.01 -19.58
N GLU A 51 6.23 7.53 -18.36
CA GLU A 51 6.33 6.09 -18.09
C GLU A 51 5.30 5.30 -18.89
N PHE A 52 4.12 5.89 -19.12
CA PHE A 52 3.10 5.21 -19.92
C PHE A 52 3.54 5.07 -21.37
N ILE A 53 4.15 6.11 -21.92
CA ILE A 53 4.55 6.11 -23.32
C ILE A 53 5.78 5.22 -23.53
N THR A 54 6.75 5.29 -22.62
CA THR A 54 8.00 4.57 -22.82
C THR A 54 7.80 3.06 -22.68
N VAL A 55 7.07 2.62 -21.65
CA VAL A 55 6.92 1.18 -21.42
C VAL A 55 6.10 0.54 -22.53
N ARG A 56 5.19 1.29 -23.15
CA ARG A 56 4.43 0.75 -24.28
C ARG A 56 5.26 0.72 -25.55
N HIS A 57 6.21 1.66 -25.71
CA HIS A 57 7.19 1.53 -26.77
C HIS A 57 8.03 0.27 -26.59
N CYS A 58 8.46 0.01 -25.35
CA CYS A 58 9.14 -1.24 -25.05
C CYS A 58 8.28 -2.45 -25.42
N ALA A 59 7.01 -2.42 -25.03
CA ALA A 59 6.09 -3.50 -25.36
C ALA A 59 6.05 -3.75 -26.87
N ARG A 60 5.92 -2.67 -27.65
CA ARG A 60 5.86 -2.83 -29.10
C ARG A 60 7.18 -3.30 -29.69
N ILE A 61 8.31 -2.92 -29.09
CA ILE A 61 9.59 -3.46 -29.52
C ILE A 61 9.64 -4.97 -29.27
N ALA A 62 9.13 -5.41 -28.11
CA ALA A 62 9.11 -6.83 -27.80
C ALA A 62 8.09 -7.58 -28.65
N LEU A 63 6.90 -6.99 -28.85
CA LEU A 63 5.90 -7.62 -29.72
C LEU A 63 6.39 -7.73 -31.15
N ASP A 64 7.18 -6.75 -31.61
CA ASP A 64 7.72 -6.82 -32.96
C ASP A 64 8.60 -8.04 -33.14
N GLN A 65 9.32 -8.44 -32.09
CA GLN A 65 10.13 -9.66 -32.15
C GLN A 65 9.26 -10.89 -32.39
N LEU A 66 8.04 -10.91 -31.88
CA LEU A 66 7.17 -12.06 -32.08
C LEU A 66 6.27 -11.90 -33.30
N GLY A 67 6.61 -11.00 -34.21
CA GLY A 67 5.90 -10.85 -35.47
C GLY A 67 4.62 -10.07 -35.40
N VAL A 68 4.42 -9.26 -34.36
CA VAL A 68 3.19 -8.52 -34.15
C VAL A 68 3.39 -7.09 -34.60
N PRO A 69 2.55 -6.55 -35.49
CA PRO A 69 2.70 -5.15 -35.91
C PRO A 69 2.54 -4.21 -34.75
N PRO A 70 3.06 -2.98 -34.85
CA PRO A 70 2.87 -1.99 -33.77
C PRO A 70 1.41 -1.75 -33.47
N ALA A 71 0.97 -2.13 -32.28
CA ALA A 71 -0.43 -2.06 -31.89
C ALA A 71 -0.57 -1.28 -30.59
N PRO A 72 -1.73 -0.66 -30.37
CA PRO A 72 -1.96 0.04 -29.09
C PRO A 72 -2.21 -0.96 -27.97
N ILE A 73 -1.67 -0.65 -26.80
CA ILE A 73 -1.85 -1.48 -25.60
C ILE A 73 -2.81 -0.73 -24.68
N LEU A 74 -4.08 -1.13 -24.71
CA LEU A 74 -5.08 -0.50 -23.87
C LEU A 74 -5.17 -1.20 -22.51
N LYS A 75 -5.98 -0.67 -21.62
CA LYS A 75 -6.09 -1.15 -20.25
C LYS A 75 -7.51 -1.64 -19.98
N GLY A 76 -7.62 -2.75 -19.25
CA GLY A 76 -8.90 -3.32 -18.89
C GLY A 76 -9.55 -2.60 -17.72
N ASP A 77 -10.59 -3.24 -17.18
CA ASP A 77 -11.37 -2.63 -16.10
C ASP A 77 -10.60 -2.60 -14.79
N LYS A 78 -9.67 -3.53 -14.59
CA LYS A 78 -8.83 -3.55 -13.41
C LYS A 78 -7.42 -3.05 -13.70
N GLY A 79 -7.25 -2.30 -14.79
CA GLY A 79 -5.94 -1.75 -15.16
C GLY A 79 -5.04 -2.71 -15.91
N GLU A 80 -5.43 -3.96 -16.07
CA GLU A 80 -4.57 -4.93 -16.74
C GLU A 80 -4.35 -4.52 -18.20
N PRO A 81 -3.17 -4.77 -18.76
CA PRO A 81 -2.93 -4.39 -20.17
C PRO A 81 -3.67 -5.31 -21.12
N CYS A 82 -4.06 -4.73 -22.26
CA CYS A 82 -4.79 -5.45 -23.30
C CYS A 82 -3.82 -5.75 -24.45
N TRP A 83 -3.49 -7.03 -24.63
CA TRP A 83 -2.52 -7.47 -25.61
C TRP A 83 -3.17 -7.83 -26.93
N PRO A 84 -2.43 -7.76 -28.04
CA PRO A 84 -2.96 -8.22 -29.32
C PRO A 84 -3.29 -9.70 -29.28
N ASP A 85 -4.09 -10.13 -30.26
CA ASP A 85 -4.61 -11.49 -30.29
C ASP A 85 -3.47 -12.51 -30.31
N GLY A 86 -3.61 -13.55 -29.49
CA GLY A 86 -2.62 -14.60 -29.40
C GLY A 86 -1.37 -14.25 -28.63
N MET A 87 -1.34 -13.13 -27.93
N MET A 87 -1.34 -13.12 -27.95
CA MET A 87 -0.16 -12.68 -27.22
CA MET A 87 -0.18 -12.65 -27.21
C MET A 87 -0.47 -12.46 -25.74
C MET A 87 -0.50 -12.53 -25.73
N VAL A 88 0.53 -12.70 -24.90
CA VAL A 88 0.45 -12.42 -23.47
C VAL A 88 1.64 -11.53 -23.12
N GLY A 89 1.60 -10.95 -21.93
CA GLY A 89 2.72 -10.14 -21.51
C GLY A 89 2.46 -9.48 -20.17
N SER A 90 3.43 -8.68 -19.76
CA SER A 90 3.34 -7.92 -18.51
C SER A 90 4.24 -6.69 -18.62
N LEU A 91 3.82 -5.62 -17.96
CA LEU A 91 4.56 -4.36 -17.95
C LEU A 91 4.89 -3.96 -16.53
N THR A 92 5.92 -3.13 -16.40
CA THR A 92 6.28 -2.56 -15.10
C THR A 92 7.11 -1.32 -15.33
N HIS A 93 6.93 -0.34 -14.47
CA HIS A 93 7.75 0.87 -14.51
C HIS A 93 7.98 1.36 -13.09
N CYS A 94 9.24 1.62 -12.75
CA CYS A 94 9.59 2.28 -11.50
C CYS A 94 10.57 3.40 -11.78
N ALA A 95 11.12 4.00 -10.73
CA ALA A 95 12.14 5.02 -10.92
C ALA A 95 13.35 4.42 -11.64
N GLY A 96 13.62 4.91 -12.84
CA GLY A 96 14.78 4.47 -13.59
C GLY A 96 14.62 3.17 -14.35
N TYR A 97 13.40 2.66 -14.51
CA TYR A 97 13.22 1.43 -15.26
C TYR A 97 11.84 1.38 -15.91
N ARG A 98 11.83 0.95 -17.17
CA ARG A 98 10.61 0.54 -17.87
C ARG A 98 10.91 -0.81 -18.51
N GLY A 99 9.98 -1.75 -18.37
CA GLY A 99 10.22 -3.10 -18.84
C GLY A 99 8.97 -3.74 -19.40
N ALA A 100 9.18 -4.57 -20.42
CA ALA A 100 8.10 -5.31 -21.05
C ALA A 100 8.61 -6.69 -21.43
N VAL A 101 7.80 -7.71 -21.13
CA VAL A 101 8.06 -9.08 -21.55
C VAL A 101 6.78 -9.62 -22.16
N VAL A 102 6.86 -10.12 -23.40
CA VAL A 102 5.70 -10.61 -24.11
C VAL A 102 5.98 -12.05 -24.57
N GLY A 103 4.90 -12.79 -24.79
CA GLY A 103 5.03 -14.19 -25.17
C GLY A 103 3.89 -14.64 -26.06
N ARG A 104 4.17 -15.71 -26.80
CA ARG A 104 3.19 -16.30 -27.71
C ARG A 104 2.25 -17.19 -26.91
N ARG A 105 0.94 -16.92 -27.01
CA ARG A 105 -0.03 -17.56 -26.13
C ARG A 105 -0.06 -19.08 -26.31
N ASP A 106 0.31 -19.58 -27.48
CA ASP A 106 0.30 -21.03 -27.69
C ASP A 106 1.36 -21.73 -26.84
N ALA A 107 2.51 -21.09 -26.64
CA ALA A 107 3.60 -21.67 -25.86
C ALA A 107 3.81 -21.01 -24.51
N VAL A 108 3.28 -19.81 -24.29
CA VAL A 108 3.39 -19.11 -23.02
C VAL A 108 1.99 -18.78 -22.53
N ARG A 109 1.62 -19.34 -21.39
CA ARG A 109 0.27 -19.16 -20.87
C ARG A 109 0.08 -17.78 -20.24
N SER A 110 1.10 -17.28 -19.53
CA SER A 110 0.98 -16.00 -18.84
C SER A 110 2.37 -15.51 -18.48
N VAL A 111 2.51 -14.19 -18.38
CA VAL A 111 3.76 -13.55 -17.98
C VAL A 111 3.45 -12.51 -16.91
N GLY A 112 4.32 -12.43 -15.90
CA GLY A 112 4.27 -11.37 -14.92
C GLY A 112 5.66 -10.90 -14.54
N ILE A 113 5.90 -9.59 -14.57
CA ILE A 113 7.20 -9.03 -14.23
C ILE A 113 6.98 -7.85 -13.28
N ASP A 114 8.05 -7.47 -12.59
CA ASP A 114 8.00 -6.31 -11.71
C ASP A 114 9.42 -5.82 -11.48
N ALA A 115 9.55 -4.50 -11.35
CA ALA A 115 10.83 -3.87 -11.03
C ALA A 115 10.63 -2.84 -9.94
N GLU A 116 11.54 -2.81 -8.98
CA GLU A 116 11.53 -1.85 -7.89
C GLU A 116 12.95 -1.43 -7.59
N PRO A 117 13.16 -0.20 -7.13
CA PRO A 117 14.47 0.19 -6.61
C PRO A 117 14.89 -0.73 -5.47
N HIS A 118 16.17 -1.10 -5.47
CA HIS A 118 16.70 -1.99 -4.44
C HIS A 118 16.93 -1.19 -3.17
N ASP A 119 15.84 -0.93 -2.46
CA ASP A 119 15.87 -0.21 -1.20
C ASP A 119 15.02 -0.96 -0.18
N VAL A 120 15.31 -0.71 1.11
CA VAL A 120 14.45 -1.22 2.16
C VAL A 120 13.03 -0.71 1.95
N LEU A 121 12.04 -1.53 2.31
CA LEU A 121 10.67 -1.07 2.27
C LEU A 121 10.44 0.02 3.32
N PRO A 122 9.54 0.96 3.05
CA PRO A 122 9.16 1.93 4.08
C PRO A 122 8.61 1.22 5.31
N ASN A 123 8.80 1.85 6.47
CA ASN A 123 8.37 1.25 7.73
C ASN A 123 6.89 0.93 7.68
N GLY A 124 6.52 -0.25 8.16
CA GLY A 124 5.15 -0.69 8.17
C GLY A 124 4.67 -1.35 6.90
N VAL A 125 5.44 -1.25 5.81
CA VAL A 125 5.01 -1.85 4.55
C VAL A 125 5.21 -3.36 4.57
N LEU A 126 6.27 -3.83 5.20
CA LEU A 126 6.58 -5.27 5.18
C LEU A 126 5.43 -6.09 5.76
N ASP A 127 4.87 -5.66 6.89
CA ASP A 127 3.78 -6.40 7.52
C ASP A 127 2.58 -6.53 6.60
N ALA A 128 2.34 -5.54 5.73
CA ALA A 128 1.15 -5.52 4.90
C ALA A 128 1.27 -6.37 3.64
N ILE A 129 2.49 -6.76 3.24
CA ILE A 129 2.70 -7.47 1.98
C ILE A 129 3.22 -8.88 2.17
N SER A 130 3.38 -9.34 3.40
CA SER A 130 4.01 -10.62 3.68
C SER A 130 3.17 -11.46 4.63
N LEU A 131 3.40 -12.79 4.58
CA LEU A 131 2.94 -13.79 5.53
C LEU A 131 3.99 -14.02 6.61
N PRO A 132 3.58 -14.36 7.83
CA PRO A 132 4.56 -14.51 8.92
C PRO A 132 5.70 -15.47 8.64
N ALA A 133 5.44 -16.55 7.88
CA ALA A 133 6.52 -17.48 7.57
C ALA A 133 7.52 -16.90 6.59
N GLU A 134 7.09 -15.99 5.73
CA GLU A 134 8.01 -15.36 4.80
C GLU A 134 8.94 -14.39 5.53
N ARG A 135 8.41 -13.63 6.50
CA ARG A 135 9.29 -12.76 7.29
C ARG A 135 10.27 -13.55 8.13
N ALA A 136 9.93 -14.80 8.47
CA ALA A 136 10.78 -15.62 9.32
C ALA A 136 11.85 -16.38 8.54
N ASP A 137 11.48 -16.98 7.40
CA ASP A 137 12.39 -17.88 6.69
C ASP A 137 13.23 -17.18 5.63
N MET A 138 12.79 -16.04 5.09
CA MET A 138 13.48 -15.43 3.97
C MET A 138 14.83 -14.81 4.32
N PRO A 139 15.02 -14.23 5.51
CA PRO A 139 16.38 -13.80 5.89
C PRO A 139 17.39 -14.93 5.92
N ARG A 140 16.96 -16.18 6.11
CA ARG A 140 17.88 -17.31 6.18
C ARG A 140 18.22 -17.90 4.82
N THR A 141 17.45 -17.57 3.79
CA THR A 141 17.69 -18.08 2.44
C THR A 141 18.19 -17.01 1.49
N MET A 142 18.26 -15.77 1.93
CA MET A 142 18.72 -14.69 1.08
C MET A 142 20.07 -14.16 1.58
N PRO A 143 20.91 -13.66 0.67
CA PRO A 143 22.22 -13.16 1.10
C PRO A 143 22.09 -11.94 1.99
N ALA A 144 23.10 -11.77 2.85
CA ALA A 144 23.09 -10.67 3.79
C ALA A 144 23.12 -9.33 3.06
N ALA A 145 22.61 -8.30 3.75
CA ALA A 145 22.62 -6.91 3.32
C ALA A 145 21.63 -6.64 2.18
N LEU A 146 21.30 -7.65 1.38
CA LEU A 146 20.29 -7.48 0.34
C LEU A 146 18.93 -7.22 0.97
N HIS A 147 18.14 -6.35 0.35
CA HIS A 147 16.83 -5.96 0.88
C HIS A 147 15.83 -7.04 0.51
N TRP A 148 15.83 -8.11 1.30
CA TRP A 148 14.97 -9.26 1.04
C TRP A 148 13.50 -8.90 1.12
N ASP A 149 13.16 -7.88 1.91
CA ASP A 149 11.76 -7.45 2.01
C ASP A 149 11.28 -6.85 0.70
N ARG A 150 12.11 -6.03 0.06
CA ARG A 150 11.76 -5.46 -1.24
C ARG A 150 11.63 -6.54 -2.30
N ILE A 151 12.53 -7.52 -2.29
CA ILE A 151 12.48 -8.61 -3.26
C ILE A 151 11.20 -9.42 -3.10
N LEU A 152 10.81 -9.71 -1.85
CA LEU A 152 9.55 -10.41 -1.60
C LEU A 152 8.37 -9.64 -2.18
N PHE A 153 8.32 -8.34 -1.93
CA PHE A 153 7.24 -7.52 -2.50
C PHE A 153 7.25 -7.58 -4.02
N CYS A 154 8.43 -7.58 -4.63
N CYS A 154 8.43 -7.56 -4.64
CA CYS A 154 8.53 -7.68 -6.08
CA CYS A 154 8.51 -7.69 -6.09
C CYS A 154 7.98 -9.01 -6.58
C CYS A 154 7.93 -9.01 -6.55
N ALA A 155 8.29 -10.10 -5.88
CA ALA A 155 7.77 -11.42 -6.25
C ALA A 155 6.26 -11.49 -6.06
N LYS A 156 5.73 -10.81 -5.04
CA LYS A 156 4.29 -10.72 -4.89
C LYS A 156 3.66 -10.02 -6.09
N GLU A 157 4.29 -8.93 -6.56
CA GLU A 157 3.72 -8.16 -7.65
C GLU A 157 3.77 -8.94 -8.96
N ALA A 158 4.91 -9.58 -9.26
CA ALA A 158 4.99 -10.42 -10.45
C ALA A 158 3.98 -11.55 -10.41
N THR A 159 3.77 -12.13 -9.22
CA THR A 159 2.76 -13.18 -9.06
C THR A 159 1.39 -12.68 -9.46
N TYR A 160 0.99 -11.51 -8.94
CA TYR A 160 -0.33 -10.97 -9.25
C TYR A 160 -0.50 -10.71 -10.74
N LYS A 161 0.56 -10.24 -11.41
CA LYS A 161 0.44 -9.92 -12.83
C LYS A 161 0.39 -11.17 -13.70
N ALA A 162 0.97 -12.28 -13.24
CA ALA A 162 0.81 -13.53 -13.96
C ALA A 162 -0.50 -14.22 -13.59
N TRP A 163 -1.02 -13.94 -12.40
CA TRP A 163 -2.25 -14.55 -11.92
C TRP A 163 -3.48 -13.94 -12.56
N PHE A 164 -3.57 -12.61 -12.60
CA PHE A 164 -4.83 -11.95 -12.94
C PHE A 164 -5.31 -12.22 -14.36
N PRO A 165 -4.48 -12.19 -15.41
CA PRO A 165 -5.01 -12.44 -16.76
C PRO A 165 -5.66 -13.81 -16.91
N LEU A 166 -5.26 -14.79 -16.09
CA LEU A 166 -5.81 -16.13 -16.18
C LEU A 166 -7.03 -16.34 -15.31
N THR A 167 -7.14 -15.61 -14.20
CA THR A 167 -8.24 -15.77 -13.26
C THR A 167 -9.23 -14.62 -13.26
N LYS A 168 -8.78 -13.40 -13.54
CA LYS A 168 -9.61 -12.19 -13.46
C LYS A 168 -10.15 -12.00 -12.05
N ARG A 169 -9.46 -12.51 -11.04
CA ARG A 169 -9.89 -12.42 -9.66
C ARG A 169 -8.80 -11.79 -8.81
N TRP A 170 -9.21 -11.26 -7.66
CA TRP A 170 -8.26 -10.65 -6.74
C TRP A 170 -7.32 -11.70 -6.16
N LEU A 171 -6.09 -11.27 -5.88
CA LEU A 171 -5.10 -12.10 -5.19
C LEU A 171 -4.42 -11.21 -4.17
N GLY A 172 -4.76 -11.39 -2.89
CA GLY A 172 -4.15 -10.58 -1.86
C GLY A 172 -2.72 -11.00 -1.56
N PHE A 173 -2.01 -10.12 -0.86
CA PHE A 173 -0.63 -10.41 -0.48
C PHE A 173 -0.55 -11.59 0.48
N GLU A 174 -1.63 -11.89 1.20
CA GLU A 174 -1.70 -13.03 2.09
C GLU A 174 -2.28 -14.28 1.43
N ASP A 175 -2.63 -14.21 0.15
CA ASP A 175 -3.22 -15.33 -0.57
C ASP A 175 -2.20 -16.16 -1.33
N ALA A 176 -0.91 -15.86 -1.18
CA ALA A 176 0.13 -16.65 -1.81
C ALA A 176 1.36 -16.68 -0.90
N HIS A 177 1.94 -17.86 -0.76
CA HIS A 177 3.12 -18.06 0.07
C HIS A 177 4.31 -18.30 -0.85
N ILE A 178 5.34 -17.47 -0.71
CA ILE A 178 6.46 -17.46 -1.64
C ILE A 178 7.73 -17.86 -0.90
N THR A 179 8.41 -18.87 -1.42
CA THR A 179 9.68 -19.34 -0.88
C THR A 179 10.79 -19.03 -1.89
N PHE A 180 11.98 -18.73 -1.36
CA PHE A 180 13.08 -18.23 -2.19
C PHE A 180 14.29 -19.16 -2.12
N GLU A 181 15.07 -19.14 -3.18
CA GLU A 181 16.36 -19.82 -3.27
C GLU A 181 17.34 -18.86 -3.91
N THR A 182 18.62 -19.03 -3.59
CA THR A 182 19.67 -18.18 -4.13
C THR A 182 20.66 -19.00 -4.93
N ASP A 183 21.05 -18.48 -6.10
CA ASP A 183 22.11 -19.09 -6.88
C ASP A 183 23.46 -18.90 -6.19
N SER A 184 24.44 -19.67 -6.64
CA SER A 184 25.79 -19.55 -6.10
C SER A 184 26.41 -18.18 -6.42
N THR A 185 25.86 -17.45 -7.39
CA THR A 185 26.40 -16.14 -7.74
C THR A 185 26.03 -15.05 -6.75
N GLY A 186 25.02 -15.29 -5.90
CA GLY A 186 24.77 -14.45 -4.75
C GLY A 186 23.76 -13.34 -4.96
N TRP A 187 23.49 -12.94 -6.20
CA TRP A 187 22.58 -11.82 -6.45
C TRP A 187 21.41 -12.20 -7.35
N THR A 188 21.25 -13.50 -7.65
CA THR A 188 20.12 -13.99 -8.42
C THR A 188 19.63 -15.28 -7.77
N GLY A 189 18.44 -15.72 -8.18
CA GLY A 189 17.90 -16.97 -7.68
C GLY A 189 16.49 -17.20 -8.19
N ARG A 190 15.88 -18.24 -7.65
CA ARG A 190 14.52 -18.65 -8.00
C ARG A 190 13.58 -18.42 -6.84
N PHE A 191 12.28 -18.36 -7.14
CA PHE A 191 11.26 -18.40 -6.11
C PHE A 191 10.06 -19.19 -6.60
N VAL A 192 9.28 -19.69 -5.66
CA VAL A 192 8.08 -20.48 -5.93
C VAL A 192 6.91 -19.81 -5.20
N SER A 193 5.91 -19.37 -5.96
CA SER A 193 4.72 -18.74 -5.41
C SER A 193 3.60 -19.77 -5.37
N ARG A 194 3.24 -20.19 -4.17
CA ARG A 194 2.18 -21.16 -3.96
C ARG A 194 0.89 -20.44 -3.62
N ILE A 195 -0.13 -20.57 -4.47
CA ILE A 195 -1.41 -19.94 -4.23
C ILE A 195 -2.12 -20.67 -3.10
N LEU A 196 -2.63 -19.90 -2.13
CA LEU A 196 -3.32 -20.51 -1.00
C LEU A 196 -4.83 -20.57 -1.19
N ILE A 197 -5.38 -19.76 -2.09
CA ILE A 197 -6.82 -19.76 -2.35
C ILE A 197 -7.10 -20.62 -3.57
N ASP A 198 -8.35 -20.64 -4.01
CA ASP A 198 -8.72 -21.44 -5.18
C ASP A 198 -8.14 -20.80 -6.44
N GLY A 199 -7.41 -21.60 -7.22
CA GLY A 199 -6.74 -21.09 -8.40
C GLY A 199 -7.43 -21.38 -9.72
N SER A 200 -8.76 -21.47 -9.71
CA SER A 200 -9.51 -21.75 -10.93
C SER A 200 -9.30 -20.63 -11.95
N THR A 201 -9.06 -21.04 -13.20
CA THR A 201 -8.79 -20.11 -14.28
C THR A 201 -9.97 -20.07 -15.25
N LEU A 202 -9.97 -19.03 -16.09
CA LEU A 202 -10.98 -18.94 -17.15
C LEU A 202 -10.91 -20.13 -18.08
N SER A 203 -9.71 -20.66 -18.34
CA SER A 203 -9.54 -21.82 -19.18
C SER A 203 -8.26 -22.54 -18.77
N GLY A 204 -8.28 -23.87 -18.90
CA GLY A 204 -7.12 -24.67 -18.56
C GLY A 204 -7.14 -25.13 -17.12
N PRO A 205 -6.03 -25.75 -16.69
CA PRO A 205 -5.96 -26.28 -15.32
C PRO A 205 -5.82 -25.15 -14.30
N PRO A 206 -6.18 -25.41 -13.05
CA PRO A 206 -6.09 -24.36 -12.03
C PRO A 206 -4.65 -23.98 -11.72
N LEU A 207 -4.49 -22.77 -11.18
CA LEU A 207 -3.19 -22.27 -10.75
C LEU A 207 -2.93 -22.72 -9.33
N THR A 208 -1.82 -23.43 -9.12
CA THR A 208 -1.41 -23.83 -7.78
C THR A 208 0.01 -23.37 -7.44
N THR A 209 0.94 -23.48 -8.38
CA THR A 209 2.34 -23.13 -8.15
C THR A 209 2.85 -22.30 -9.32
N LEU A 210 3.40 -21.12 -9.02
CA LEU A 210 3.98 -20.23 -10.02
C LEU A 210 5.46 -20.06 -9.69
N ARG A 211 6.33 -20.59 -10.55
CA ARG A 211 7.77 -20.49 -10.36
C ARG A 211 8.33 -19.30 -11.11
N GLY A 212 9.24 -18.58 -10.46
CA GLY A 212 9.83 -17.40 -11.04
C GLY A 212 11.29 -17.20 -10.68
N ARG A 213 11.86 -16.07 -11.09
CA ARG A 213 13.26 -15.76 -10.86
C ARG A 213 13.39 -14.33 -10.35
N TRP A 214 14.41 -14.09 -9.53
CA TRP A 214 14.68 -12.77 -8.99
C TRP A 214 16.13 -12.40 -9.23
N SER A 215 16.40 -11.10 -9.24
CA SER A 215 17.74 -10.60 -9.52
C SER A 215 17.87 -9.18 -8.99
N VAL A 216 19.01 -8.88 -8.38
CA VAL A 216 19.36 -7.54 -7.93
C VAL A 216 20.57 -7.08 -8.73
N GLU A 217 20.44 -5.95 -9.43
CA GLU A 217 21.51 -5.49 -10.30
C GLU A 217 21.30 -4.01 -10.62
N ARG A 218 22.37 -3.22 -10.48
CA ARG A 218 22.38 -1.80 -10.82
C ARG A 218 21.33 -1.02 -10.02
N GLY A 219 21.16 -1.41 -8.75
CA GLY A 219 20.22 -0.73 -7.89
C GLY A 219 18.76 -1.07 -8.11
N LEU A 220 18.47 -2.10 -8.90
CA LEU A 220 17.10 -2.50 -9.18
C LEU A 220 16.89 -3.96 -8.79
N VAL A 221 15.69 -4.25 -8.31
CA VAL A 221 15.22 -5.63 -8.15
C VAL A 221 14.30 -5.95 -9.32
N LEU A 222 14.55 -7.07 -9.98
CA LEU A 222 13.69 -7.56 -11.05
C LEU A 222 13.18 -8.95 -10.71
N THR A 223 11.89 -9.18 -10.94
CA THR A 223 11.28 -10.50 -10.81
C THR A 223 10.43 -10.77 -12.04
N ALA A 224 10.31 -12.04 -12.39
CA ALA A 224 9.53 -12.42 -13.56
C ALA A 224 9.02 -13.84 -13.41
N ILE A 225 7.79 -14.06 -13.87
CA ILE A 225 7.18 -15.38 -13.94
C ILE A 225 6.73 -15.62 -15.37
N VAL A 226 7.13 -16.76 -15.94
CA VAL A 226 6.75 -17.16 -17.29
C VAL A 226 6.08 -18.52 -17.18
N LEU A 227 4.76 -18.55 -17.37
CA LEU A 227 4.00 -19.79 -17.30
C LEU A 227 3.96 -20.45 -18.67
N ALA A 228 4.42 -21.70 -18.75
CA ALA A 228 4.39 -22.42 -20.01
C ALA A 228 2.96 -22.84 -20.33
N GLY A 229 2.60 -22.75 -21.60
CA GLY A 229 1.26 -23.11 -22.05
C GLY A 229 1.09 -24.60 -22.26
N THR B 5 -11.42 23.63 14.43
CA THR B 5 -10.54 22.57 13.97
C THR B 5 -11.31 21.52 13.17
N LEU B 6 -10.60 20.81 12.28
CA LEU B 6 -11.21 19.74 11.50
C LEU B 6 -11.43 18.49 12.35
N VAL B 7 -10.50 18.17 13.24
CA VAL B 7 -10.57 16.92 13.98
C VAL B 7 -11.69 16.96 15.01
N ALA B 8 -12.07 18.16 15.47
CA ALA B 8 -13.17 18.24 16.43
C ALA B 8 -14.48 17.72 15.86
N SER B 9 -14.62 17.77 14.53
CA SER B 9 -15.83 17.29 13.87
C SER B 9 -15.98 15.77 13.97
N VAL B 10 -14.92 15.05 14.29
CA VAL B 10 -14.97 13.59 14.40
C VAL B 10 -14.72 13.13 15.84
N LEU B 11 -14.80 14.05 16.81
CA LEU B 11 -14.63 13.68 18.21
C LEU B 11 -15.95 13.79 18.96
N PRO B 12 -16.14 13.03 20.05
CA PRO B 12 -17.37 13.10 20.83
C PRO B 12 -17.48 14.36 21.67
C GLU B 17 -10.66 16.06 30.48
N ASP B 18 -10.98 15.00 29.74
CA ASP B 18 -10.13 13.83 29.64
C ASP B 18 -9.54 13.65 28.25
N LEU B 19 -9.92 14.49 27.29
CA LEU B 19 -9.53 14.33 25.90
C LEU B 19 -9.18 15.69 25.32
N ALA B 20 -8.08 15.75 24.57
CA ALA B 20 -7.60 16.99 24.01
C ALA B 20 -7.04 16.74 22.62
N TYR B 21 -6.96 17.80 21.83
CA TYR B 21 -6.49 17.71 20.46
C TYR B 21 -5.79 18.99 20.06
N ALA B 22 -5.07 18.93 18.94
CA ALA B 22 -4.37 20.06 18.35
C ALA B 22 -3.93 19.68 16.94
N GLU B 23 -4.09 20.60 16.00
CA GLU B 23 -3.74 20.34 14.61
C GLU B 23 -3.10 21.57 13.99
N LEU B 24 -2.27 21.34 12.98
CA LEU B 24 -1.65 22.39 12.18
C LEU B 24 -1.69 21.97 10.73
N TYR B 25 -1.76 22.96 9.83
CA TYR B 25 -1.94 22.73 8.42
C TYR B 25 -0.69 23.01 7.60
N SER B 26 0.39 23.45 8.24
CA SER B 26 1.68 23.61 7.59
C SER B 26 2.76 23.29 8.62
N ASP B 27 4.01 23.44 8.20
CA ASP B 27 5.15 23.18 9.08
C ASP B 27 5.76 24.50 9.52
N PRO B 28 5.44 24.99 10.72
CA PRO B 28 5.87 26.33 11.11
C PRO B 28 7.37 26.37 11.39
N PRO B 29 8.05 27.42 10.96
CA PRO B 29 9.48 27.55 11.27
C PRO B 29 9.71 27.73 12.75
N GLY B 30 10.89 27.32 13.21
CA GLY B 30 11.28 27.44 14.59
C GLY B 30 11.12 26.17 15.40
N LEU B 31 10.24 25.28 14.99
CA LEU B 31 10.03 24.05 15.74
C LEU B 31 11.23 23.12 15.61
N THR B 32 11.62 22.53 16.73
CA THR B 32 12.69 21.56 16.81
C THR B 32 12.18 20.33 17.55
N PRO B 33 12.78 19.17 17.32
CA PRO B 33 12.41 18.00 18.10
C PRO B 33 13.06 18.02 19.47
N LEU B 34 12.45 17.30 20.41
CA LEU B 34 13.10 17.10 21.69
C LEU B 34 14.35 16.23 21.49
N PRO B 35 15.39 16.47 22.28
CA PRO B 35 16.65 15.73 22.08
C PRO B 35 16.48 14.22 22.07
N GLU B 36 15.54 13.68 22.86
CA GLU B 36 15.24 12.26 22.80
C GLU B 36 14.68 11.89 21.43
N GLU B 37 13.88 12.77 20.84
CA GLU B 37 13.26 12.50 19.54
C GLU B 37 14.24 12.67 18.39
N ALA B 38 15.25 13.52 18.56
CA ALA B 38 16.15 13.88 17.46
C ALA B 38 16.77 12.69 16.73
N PRO B 39 17.29 11.66 17.40
CA PRO B 39 17.91 10.55 16.63
C PRO B 39 16.94 9.82 15.72
N LEU B 40 15.64 9.85 16.03
CA LEU B 40 14.66 9.13 15.22
C LEU B 40 14.51 9.72 13.82
N ILE B 41 14.96 10.95 13.62
CA ILE B 41 14.91 11.59 12.30
C ILE B 41 16.29 12.16 11.98
N ALA B 42 17.34 11.51 12.48
CA ALA B 42 18.69 12.03 12.30
C ALA B 42 19.08 12.08 10.83
N ARG B 43 18.72 11.06 10.06
CA ARG B 43 19.08 10.96 8.65
C ARG B 43 17.85 10.79 7.77
N SER B 44 16.79 11.51 8.11
CA SER B 44 15.54 11.46 7.35
C SER B 44 15.47 12.66 6.41
N VAL B 45 14.70 12.47 5.32
CA VAL B 45 14.51 13.56 4.37
C VAL B 45 13.77 14.71 5.05
N ALA B 46 13.85 15.89 4.43
CA ALA B 46 13.31 17.10 5.04
C ALA B 46 11.80 16.99 5.27
N LYS B 47 11.08 16.43 4.29
CA LYS B 47 9.63 16.26 4.45
C LYS B 47 9.30 15.37 5.64
N ARG B 48 10.08 14.30 5.85
CA ARG B 48 9.85 13.44 7.01
C ARG B 48 10.17 14.18 8.31
N ARG B 49 11.28 14.92 8.33
CA ARG B 49 11.63 15.69 9.53
C ARG B 49 10.55 16.68 9.89
N ASN B 50 10.03 17.42 8.91
CA ASN B 50 9.06 18.47 9.20
C ASN B 50 7.76 17.89 9.74
N GLU B 51 7.23 16.84 9.09
CA GLU B 51 6.01 16.23 9.59
C GLU B 51 6.22 15.58 10.95
N PHE B 52 7.41 15.03 11.20
CA PHE B 52 7.71 14.42 12.49
C PHE B 52 7.74 15.47 13.61
N ILE B 53 8.36 16.62 13.34
CA ILE B 53 8.47 17.65 14.36
C ILE B 53 7.13 18.33 14.60
N THR B 54 6.40 18.62 13.54
CA THR B 54 5.15 19.37 13.68
C THR B 54 4.10 18.54 14.41
N VAL B 55 3.94 17.26 14.02
CA VAL B 55 2.88 16.45 14.62
C VAL B 55 3.16 16.19 16.09
N ARG B 56 4.44 16.15 16.49
CA ARG B 56 4.76 15.96 17.90
C ARG B 56 4.61 17.25 18.71
N HIS B 57 4.81 18.40 18.07
CA HIS B 57 4.43 19.65 18.72
C HIS B 57 2.94 19.70 19.01
N CYS B 58 2.12 19.28 18.02
CA CYS B 58 0.69 19.18 18.24
C CYS B 58 0.37 18.27 19.43
N ALA B 59 1.00 17.09 19.47
CA ALA B 59 0.78 16.17 20.59
C ALA B 59 1.06 16.84 21.92
N ARG B 60 2.20 17.54 22.02
CA ARG B 60 2.54 18.21 23.28
C ARG B 60 1.58 19.36 23.58
N ILE B 61 1.08 20.04 22.54
CA ILE B 61 0.04 21.04 22.75
C ILE B 61 -1.21 20.38 23.31
N ALA B 62 -1.55 19.20 22.79
CA ALA B 62 -2.70 18.47 23.30
C ALA B 62 -2.41 17.88 24.67
N LEU B 63 -1.20 17.35 24.87
CA LEU B 63 -0.82 16.85 26.20
C LEU B 63 -0.81 17.97 27.23
N ASP B 64 -0.41 19.19 26.83
CA ASP B 64 -0.40 20.30 27.77
C ASP B 64 -1.79 20.59 28.30
N GLN B 65 -2.82 20.42 27.48
CA GLN B 65 -4.18 20.61 27.95
C GLN B 65 -4.54 19.65 29.08
N LEU B 66 -3.96 18.44 29.06
CA LEU B 66 -4.24 17.45 30.09
C LEU B 66 -3.21 17.50 31.23
N GLY B 67 -2.46 18.60 31.34
CA GLY B 67 -1.57 18.79 32.46
C GLY B 67 -0.25 18.06 32.38
N VAL B 68 0.15 17.61 31.19
CA VAL B 68 1.36 16.82 31.00
C VAL B 68 2.48 17.72 30.53
N PRO B 69 3.63 17.74 31.20
CA PRO B 69 4.76 18.57 30.75
C PRO B 69 5.23 18.15 29.37
N PRO B 70 5.90 19.04 28.63
CA PRO B 70 6.43 18.67 27.31
C PRO B 70 7.36 17.46 27.40
N ALA B 71 6.94 16.35 26.79
CA ALA B 71 7.68 15.10 26.85
C ALA B 71 7.95 14.59 25.45
N PRO B 72 9.02 13.81 25.27
CA PRO B 72 9.27 13.23 23.94
C PRO B 72 8.31 12.09 23.64
N ILE B 73 7.90 12.02 22.37
CA ILE B 73 7.00 10.98 21.88
C ILE B 73 7.87 10.03 21.06
N LEU B 74 8.27 8.92 21.66
CA LEU B 74 9.10 7.95 20.98
C LEU B 74 8.24 6.92 20.25
N LYS B 75 8.90 6.04 19.50
CA LYS B 75 8.23 5.05 18.67
C LYS B 75 8.63 3.65 19.10
N GLY B 76 7.65 2.75 19.12
CA GLY B 76 7.88 1.36 19.45
C GLY B 76 8.46 0.58 18.30
N ASP B 77 8.46 -0.74 18.44
CA ASP B 77 9.07 -1.61 17.44
C ASP B 77 8.26 -1.64 16.15
N LYS B 78 6.95 -1.41 16.24
CA LYS B 78 6.09 -1.33 15.06
C LYS B 78 5.76 0.11 14.69
N GLY B 79 6.55 1.07 15.19
CA GLY B 79 6.33 2.47 14.88
C GLY B 79 5.28 3.17 15.72
N GLU B 80 4.56 2.44 16.58
CA GLU B 80 3.51 3.05 17.37
C GLU B 80 4.10 4.11 18.31
N PRO B 81 3.40 5.21 18.54
CA PRO B 81 3.96 6.25 19.41
C PRO B 81 3.96 5.83 20.88
N CYS B 82 4.98 6.30 21.60
CA CYS B 82 5.14 6.00 23.02
C CYS B 82 4.75 7.25 23.80
N TRP B 83 3.65 7.16 24.50
CA TRP B 83 3.01 8.25 25.24
C TRP B 83 3.49 8.27 26.70
N PRO B 84 3.44 9.44 27.34
CA PRO B 84 3.74 9.51 28.77
C PRO B 84 2.76 8.66 29.57
N ASP B 85 3.16 8.34 30.79
CA ASP B 85 2.39 7.42 31.62
C ASP B 85 0.99 7.93 31.86
N GLY B 86 0.01 7.03 31.74
CA GLY B 86 -1.38 7.38 31.92
C GLY B 86 -2.01 8.11 30.76
N MET B 87 -1.33 8.21 29.62
N MET B 87 -1.33 8.21 29.62
CA MET B 87 -1.82 8.91 28.45
CA MET B 87 -1.84 8.92 28.45
C MET B 87 -1.92 7.97 27.26
C MET B 87 -1.91 7.99 27.25
N VAL B 88 -2.96 8.14 26.46
CA VAL B 88 -3.10 7.45 25.19
C VAL B 88 -3.25 8.53 24.11
N GLY B 89 -3.13 8.11 22.86
CA GLY B 89 -3.29 9.07 21.78
C GLY B 89 -3.03 8.44 20.43
N SER B 90 -3.10 9.29 19.41
CA SER B 90 -2.83 8.88 18.03
C SER B 90 -2.38 10.10 17.24
N LEU B 91 -1.50 9.85 16.26
CA LEU B 91 -0.97 10.90 15.41
C LEU B 91 -1.26 10.58 13.96
N THR B 92 -1.27 11.60 13.12
CA THR B 92 -1.41 11.42 11.68
C THR B 92 -0.91 12.67 10.98
N HIS B 93 -0.31 12.47 9.82
CA HIS B 93 0.11 13.59 8.98
C HIS B 93 -0.02 13.19 7.51
N CYS B 94 -0.67 14.07 6.74
CA CYS B 94 -0.71 13.94 5.29
C CYS B 94 -0.38 15.29 4.66
N ALA B 95 -0.56 15.40 3.34
CA ALA B 95 -0.35 16.69 2.68
C ALA B 95 -1.31 17.72 3.25
N GLY B 96 -0.77 18.76 3.86
CA GLY B 96 -1.59 19.84 4.38
C GLY B 96 -2.22 19.59 5.72
N TYR B 97 -1.82 18.56 6.45
CA TYR B 97 -2.40 18.30 7.75
C TYR B 97 -1.42 17.59 8.67
N ARG B 98 -1.38 18.06 9.92
CA ARG B 98 -0.76 17.35 11.03
C ARG B 98 -1.75 17.38 12.18
N GLY B 99 -1.96 16.23 12.82
CA GLY B 99 -3.00 16.13 13.83
C GLY B 99 -2.59 15.21 14.96
N ALA B 100 -3.07 15.57 16.15
CA ALA B 100 -2.82 14.80 17.36
C ALA B 100 -4.06 14.82 18.24
N VAL B 101 -4.45 13.67 18.76
CA VAL B 101 -5.52 13.54 19.74
C VAL B 101 -5.01 12.67 20.88
N VAL B 102 -5.08 13.19 22.11
CA VAL B 102 -4.59 12.48 23.28
C VAL B 102 -5.69 12.40 24.33
N GLY B 103 -5.57 11.40 25.21
CA GLY B 103 -6.60 11.16 26.21
C GLY B 103 -6.02 10.58 27.48
N ARG B 104 -6.78 10.72 28.55
CA ARG B 104 -6.40 10.19 29.85
C ARG B 104 -6.74 8.69 29.90
N ARG B 105 -5.73 7.86 30.19
CA ARG B 105 -5.89 6.42 30.04
C ARG B 105 -6.97 5.86 30.95
N ASP B 106 -7.25 6.51 32.07
CA ASP B 106 -8.28 6.00 32.98
C ASP B 106 -9.68 6.11 32.37
N ALA B 107 -9.93 7.17 31.60
CA ALA B 107 -11.24 7.39 30.99
C ALA B 107 -11.28 7.15 29.49
N VAL B 108 -10.11 7.08 28.84
CA VAL B 108 -10.02 6.81 27.42
C VAL B 108 -9.13 5.59 27.24
N ARG B 109 -9.69 4.51 26.71
CA ARG B 109 -8.95 3.26 26.57
C ARG B 109 -7.96 3.31 25.40
N SER B 110 -8.37 3.92 24.29
CA SER B 110 -7.53 3.99 23.10
C SER B 110 -8.07 5.06 22.17
N VAL B 111 -7.16 5.63 21.37
CA VAL B 111 -7.51 6.60 20.35
C VAL B 111 -6.84 6.21 19.04
N GLY B 112 -7.56 6.36 17.94
CA GLY B 112 -6.98 6.22 16.62
C GLY B 112 -7.56 7.28 15.69
N ILE B 113 -6.69 7.99 14.98
CA ILE B 113 -7.12 9.03 14.05
C ILE B 113 -6.38 8.85 12.73
N ASP B 114 -6.92 9.47 11.69
CA ASP B 114 -6.27 9.45 10.39
C ASP B 114 -6.80 10.60 9.55
N ALA B 115 -5.93 11.15 8.71
CA ALA B 115 -6.29 12.21 7.77
C ALA B 115 -5.70 11.91 6.40
N GLU B 116 -6.49 12.14 5.36
CA GLU B 116 -6.05 11.98 3.98
C GLU B 116 -6.62 13.10 3.13
N PRO B 117 -5.93 13.52 2.08
CA PRO B 117 -6.55 14.41 1.08
C PRO B 117 -7.80 13.77 0.49
N HIS B 118 -8.84 14.58 0.33
CA HIS B 118 -10.10 14.09 -0.23
C HIS B 118 -9.97 13.96 -1.74
N ASP B 119 -9.30 12.88 -2.15
CA ASP B 119 -9.12 12.56 -3.55
C ASP B 119 -9.47 11.09 -3.76
N VAL B 120 -9.83 10.76 -5.01
CA VAL B 120 -10.01 9.36 -5.37
C VAL B 120 -8.72 8.59 -5.08
N LEU B 121 -8.87 7.32 -4.71
CA LEU B 121 -7.70 6.48 -4.53
C LEU B 121 -7.03 6.22 -5.87
N PRO B 122 -5.70 6.10 -5.89
CA PRO B 122 -5.02 5.65 -7.10
C PRO B 122 -5.54 4.30 -7.54
N ASN B 123 -5.51 4.06 -8.85
CA ASN B 123 -6.05 2.82 -9.40
C ASN B 123 -5.39 1.60 -8.78
N GLY B 124 -6.22 0.61 -8.45
CA GLY B 124 -5.76 -0.63 -7.86
C GLY B 124 -5.61 -0.63 -6.36
N VAL B 125 -5.64 0.54 -5.72
CA VAL B 125 -5.47 0.61 -4.27
C VAL B 125 -6.72 0.14 -3.54
N LEU B 126 -7.90 0.44 -4.07
CA LEU B 126 -9.15 0.11 -3.37
C LEU B 126 -9.27 -1.38 -3.11
N ASP B 127 -8.97 -2.21 -4.12
CA ASP B 127 -9.08 -3.65 -3.94
C ASP B 127 -8.18 -4.15 -2.81
N ALA B 128 -7.05 -3.49 -2.58
CA ALA B 128 -6.09 -3.95 -1.58
C ALA B 128 -6.45 -3.54 -0.15
N ILE B 129 -7.33 -2.56 0.02
CA ILE B 129 -7.63 -2.02 1.35
C ILE B 129 -9.08 -2.25 1.75
N SER B 130 -9.90 -2.90 0.92
CA SER B 130 -11.32 -3.01 1.17
C SER B 130 -11.77 -4.45 1.05
N LEU B 131 -12.87 -4.74 1.69
CA LEU B 131 -13.60 -5.98 1.50
C LEU B 131 -14.65 -5.79 0.41
N PRO B 132 -14.96 -6.84 -0.35
CA PRO B 132 -15.96 -6.69 -1.42
C PRO B 132 -17.29 -6.15 -0.94
N ALA B 133 -17.67 -6.46 0.30
CA ALA B 133 -18.93 -5.94 0.84
C ALA B 133 -18.87 -4.44 1.08
N GLU B 134 -17.69 -3.92 1.41
CA GLU B 134 -17.54 -2.48 1.61
C GLU B 134 -17.67 -1.73 0.29
N ARG B 135 -17.08 -2.28 -0.79
CA ARG B 135 -17.24 -1.68 -2.10
C ARG B 135 -18.69 -1.73 -2.58
N ALA B 136 -19.47 -2.68 -2.08
CA ALA B 136 -20.86 -2.85 -2.50
C ALA B 136 -21.83 -1.96 -1.72
N ASP B 137 -21.69 -1.88 -0.40
CA ASP B 137 -22.68 -1.21 0.42
C ASP B 137 -22.38 0.27 0.66
N MET B 138 -21.11 0.67 0.58
CA MET B 138 -20.74 2.03 0.94
C MET B 138 -21.23 3.07 -0.06
N PRO B 139 -21.30 2.77 -1.36
CA PRO B 139 -21.96 3.73 -2.27
C PRO B 139 -23.41 4.01 -1.93
N ARG B 140 -24.09 3.10 -1.22
CA ARG B 140 -25.49 3.30 -0.87
C ARG B 140 -25.69 4.07 0.43
N THR B 141 -24.66 4.19 1.26
CA THR B 141 -24.77 4.91 2.51
C THR B 141 -24.00 6.22 2.54
N MET B 142 -23.24 6.53 1.49
CA MET B 142 -22.48 7.75 1.42
C MET B 142 -23.03 8.68 0.34
N PRO B 143 -22.93 9.99 0.50
CA PRO B 143 -23.43 10.90 -0.53
C PRO B 143 -22.64 10.78 -1.81
N ALA B 144 -23.32 11.07 -2.92
CA ALA B 144 -22.70 10.97 -4.23
C ALA B 144 -21.52 11.93 -4.35
N ALA B 145 -20.60 11.59 -5.25
CA ALA B 145 -19.43 12.39 -5.61
C ALA B 145 -18.35 12.36 -4.53
N LEU B 146 -18.72 12.13 -3.27
CA LEU B 146 -17.71 11.98 -2.23
C LEU B 146 -16.87 10.73 -2.49
N HIS B 147 -15.57 10.83 -2.22
CA HIS B 147 -14.64 9.74 -2.48
C HIS B 147 -14.73 8.73 -1.34
N TRP B 148 -15.76 7.88 -1.42
CA TRP B 148 -16.00 6.91 -0.36
C TRP B 148 -14.84 5.91 -0.24
N ASP B 149 -14.12 5.67 -1.33
CA ASP B 149 -12.98 4.77 -1.27
C ASP B 149 -11.87 5.34 -0.39
N ARG B 150 -11.56 6.63 -0.57
CA ARG B 150 -10.56 7.29 0.27
C ARG B 150 -11.02 7.35 1.72
N ILE B 151 -12.31 7.65 1.94
CA ILE B 151 -12.84 7.72 3.30
C ILE B 151 -12.77 6.36 3.97
N LEU B 152 -13.13 5.31 3.24
CA LEU B 152 -13.03 3.95 3.79
C LEU B 152 -11.61 3.63 4.21
N PHE B 153 -10.63 3.95 3.35
CA PHE B 153 -9.23 3.73 3.70
C PHE B 153 -8.85 4.49 4.97
N CYS B 154 -9.40 5.70 5.13
N CYS B 154 -9.38 5.71 5.13
CA CYS B 154 -9.13 6.49 6.33
CA CYS B 154 -9.12 6.47 6.34
C CYS B 154 -9.68 5.80 7.58
C CYS B 154 -9.65 5.74 7.57
N ALA B 155 -10.90 5.25 7.48
CA ALA B 155 -11.49 4.53 8.61
C ALA B 155 -10.70 3.25 8.93
N LYS B 156 -10.15 2.60 7.91
CA LYS B 156 -9.27 1.46 8.16
C LYS B 156 -8.04 1.88 8.95
N GLU B 157 -7.45 3.02 8.61
CA GLU B 157 -6.23 3.47 9.27
C GLU B 157 -6.50 3.89 10.70
N ALA B 158 -7.58 4.63 10.94
CA ALA B 158 -7.94 4.98 12.31
C ALA B 158 -8.22 3.73 13.13
N THR B 159 -8.87 2.73 12.51
CA THR B 159 -9.13 1.46 13.18
C THR B 159 -7.85 0.81 13.65
N TYR B 160 -6.87 0.69 12.75
CA TYR B 160 -5.61 0.03 13.11
C TYR B 160 -4.88 0.77 14.24
N LYS B 161 -4.93 2.12 14.23
CA LYS B 161 -4.21 2.88 15.23
C LYS B 161 -4.87 2.80 16.60
N ALA B 162 -6.18 2.58 16.65
CA ALA B 162 -6.84 2.35 17.94
C ALA B 162 -6.72 0.91 18.38
N TRP B 163 -6.55 0.00 17.43
CA TRP B 163 -6.45 -1.43 17.71
C TRP B 163 -5.08 -1.81 18.26
N PHE B 164 -4.01 -1.35 17.61
CA PHE B 164 -2.69 -1.89 17.91
C PHE B 164 -2.20 -1.64 19.33
N PRO B 165 -2.36 -0.46 19.93
CA PRO B 165 -1.86 -0.29 21.32
C PRO B 165 -2.47 -1.25 22.31
N LEU B 166 -3.67 -1.77 22.04
CA LEU B 166 -4.33 -2.68 22.95
C LEU B 166 -4.01 -4.14 22.67
N THR B 167 -3.70 -4.49 21.41
CA THR B 167 -3.42 -5.86 21.04
C THR B 167 -1.97 -6.14 20.71
N LYS B 168 -1.23 -5.15 20.18
CA LYS B 168 0.15 -5.32 19.72
C LYS B 168 0.26 -6.38 18.62
N ARG B 169 -0.82 -6.59 17.88
CA ARG B 169 -0.87 -7.59 16.81
C ARG B 169 -1.32 -6.94 15.51
N TRP B 170 -0.99 -7.62 14.41
CA TRP B 170 -1.34 -7.14 13.09
C TRP B 170 -2.86 -7.14 12.89
N LEU B 171 -3.33 -6.17 12.10
CA LEU B 171 -4.72 -6.10 11.69
C LEU B 171 -4.73 -5.73 10.22
N GLY B 172 -5.03 -6.71 9.35
CA GLY B 172 -5.06 -6.45 7.93
C GLY B 172 -6.31 -5.72 7.48
N PHE B 173 -6.26 -5.21 6.24
CA PHE B 173 -7.40 -4.53 5.68
C PHE B 173 -8.60 -5.44 5.48
N GLU B 174 -8.39 -6.75 5.37
CA GLU B 174 -9.48 -7.70 5.26
C GLU B 174 -9.91 -8.27 6.61
N ASP B 175 -9.27 -7.83 7.70
CA ASP B 175 -9.56 -8.33 9.03
C ASP B 175 -10.55 -7.46 9.80
N ALA B 176 -11.10 -6.43 9.15
CA ALA B 176 -12.12 -5.61 9.79
C ALA B 176 -13.11 -5.14 8.72
N HIS B 177 -14.40 -5.25 9.04
CA HIS B 177 -15.48 -4.85 8.15
C HIS B 177 -16.14 -3.59 8.70
N ILE B 178 -16.20 -2.55 7.88
CA ILE B 178 -16.60 -1.22 8.33
C ILE B 178 -17.89 -0.83 7.62
N THR B 179 -18.89 -0.44 8.40
CA THR B 179 -20.18 0.04 7.91
C THR B 179 -20.25 1.54 8.16
N PHE B 180 -20.86 2.28 7.24
CA PHE B 180 -20.85 3.74 7.31
C PHE B 180 -22.27 4.30 7.38
N GLU B 181 -22.37 5.48 7.99
CA GLU B 181 -23.59 6.27 8.02
C GLU B 181 -23.25 7.72 7.74
N THR B 182 -24.23 8.45 7.21
CA THR B 182 -24.08 9.86 6.90
C THR B 182 -25.07 10.66 7.74
N ASP B 183 -24.61 11.76 8.32
CA ASP B 183 -25.52 12.67 9.00
C ASP B 183 -26.40 13.38 7.99
N SER B 184 -27.47 14.00 8.50
CA SER B 184 -28.37 14.75 7.63
C SER B 184 -27.69 15.95 6.98
N THR B 185 -26.56 16.41 7.52
CA THR B 185 -25.84 17.53 6.95
C THR B 185 -25.03 17.14 5.72
N GLY B 186 -24.81 15.84 5.50
CA GLY B 186 -24.30 15.35 4.24
C GLY B 186 -22.79 15.17 4.16
N TRP B 187 -22.01 15.80 5.03
CA TRP B 187 -20.56 15.72 4.92
C TRP B 187 -19.90 15.15 6.17
N THR B 188 -20.67 14.65 7.12
CA THR B 188 -20.15 13.97 8.30
C THR B 188 -21.00 12.73 8.56
N GLY B 189 -20.50 11.86 9.43
CA GLY B 189 -21.25 10.68 9.78
C GLY B 189 -20.44 9.76 10.67
N ARG B 190 -21.01 8.59 10.93
CA ARG B 190 -20.42 7.56 11.77
C ARG B 190 -19.98 6.36 10.95
N PHE B 191 -19.08 5.57 11.53
CA PHE B 191 -18.78 4.26 10.99
C PHE B 191 -18.56 3.28 12.15
N VAL B 192 -18.77 2.01 11.86
CA VAL B 192 -18.64 0.94 12.84
C VAL B 192 -17.68 -0.09 12.27
N SER B 193 -16.49 -0.19 12.86
N SER B 193 -16.51 -0.22 12.87
CA SER B 193 -15.51 -1.20 12.47
CA SER B 193 -15.51 -1.20 12.45
C SER B 193 -15.72 -2.45 13.32
C SER B 193 -15.65 -2.45 13.30
N ARG B 194 -15.96 -3.57 12.65
CA ARG B 194 -16.16 -4.85 13.32
C ARG B 194 -14.97 -5.74 13.02
N ILE B 195 -14.23 -6.13 14.08
CA ILE B 195 -13.06 -6.96 13.92
C ILE B 195 -13.47 -8.39 13.58
N LEU B 196 -12.84 -8.96 12.56
CA LEU B 196 -13.15 -10.31 12.11
C LEU B 196 -12.23 -11.36 12.71
N ILE B 197 -11.06 -10.97 13.21
CA ILE B 197 -10.12 -11.91 13.81
C ILE B 197 -10.25 -11.84 15.33
N ASP B 198 -9.38 -12.57 16.04
CA ASP B 198 -9.41 -12.58 17.50
C ASP B 198 -8.98 -11.23 18.04
N GLY B 199 -9.82 -10.63 18.86
CA GLY B 199 -9.54 -9.29 19.38
C GLY B 199 -9.05 -9.25 20.81
N SER B 200 -8.36 -10.31 21.27
CA SER B 200 -7.86 -10.34 22.63
C SER B 200 -6.86 -9.21 22.85
N THR B 201 -7.01 -8.50 23.97
CA THR B 201 -6.17 -7.37 24.30
C THR B 201 -5.26 -7.70 25.48
N LEU B 202 -4.24 -6.85 25.67
CA LEU B 202 -3.37 -6.99 26.82
C LEU B 202 -4.14 -6.89 28.13
N SER B 203 -5.19 -6.08 28.16
N SER B 203 -5.19 -6.08 28.16
CA SER B 203 -6.03 -5.96 29.34
CA SER B 203 -6.03 -5.93 29.34
C SER B 203 -7.43 -5.57 28.91
C SER B 203 -7.44 -5.57 28.90
N GLY B 204 -8.39 -5.77 29.82
CA GLY B 204 -9.77 -5.45 29.55
C GLY B 204 -10.44 -6.42 28.60
N PRO B 205 -11.67 -6.13 28.20
CA PRO B 205 -12.41 -7.03 27.31
C PRO B 205 -11.86 -6.97 25.90
N PRO B 206 -12.10 -8.00 25.08
CA PRO B 206 -11.54 -8.01 23.73
C PRO B 206 -12.18 -6.96 22.83
N LEU B 207 -11.45 -6.59 21.80
CA LEU B 207 -11.93 -5.63 20.80
C LEU B 207 -12.70 -6.37 19.72
N THR B 208 -13.96 -6.03 19.57
CA THR B 208 -14.84 -6.58 18.52
C THR B 208 -15.49 -5.50 17.68
N THR B 209 -15.91 -4.40 18.31
CA THR B 209 -16.62 -3.33 17.61
C THR B 209 -15.99 -2.00 18.00
N LEU B 210 -15.55 -1.24 17.02
CA LEU B 210 -14.95 0.08 17.22
C LEU B 210 -15.80 1.10 16.46
N ARG B 211 -16.46 1.99 17.19
CA ARG B 211 -17.27 3.03 16.58
C ARG B 211 -16.45 4.30 16.44
N GLY B 212 -16.60 4.96 15.28
CA GLY B 212 -15.87 6.18 15.00
C GLY B 212 -16.66 7.18 14.18
N ARG B 213 -16.01 8.27 13.78
CA ARG B 213 -16.65 9.33 13.02
C ARG B 213 -15.76 9.73 11.86
N TRP B 214 -16.41 10.17 10.77
CA TRP B 214 -15.72 10.64 9.59
C TRP B 214 -16.25 12.01 9.19
N SER B 215 -15.42 12.75 8.46
CA SER B 215 -15.78 14.10 8.05
C SER B 215 -14.95 14.51 6.84
N VAL B 216 -15.60 15.16 5.87
CA VAL B 216 -14.94 15.71 4.70
C VAL B 216 -15.08 17.23 4.75
N GLU B 217 -13.95 17.92 4.76
CA GLU B 217 -13.96 19.37 4.92
C GLU B 217 -12.62 19.93 4.47
N ARG B 218 -12.65 21.00 3.67
CA ARG B 218 -11.46 21.72 3.24
C ARG B 218 -10.50 20.82 2.46
N GLY B 219 -11.06 19.89 1.68
CA GLY B 219 -10.24 18.99 0.89
C GLY B 219 -9.59 17.87 1.67
N LEU B 220 -9.97 17.67 2.92
CA LEU B 220 -9.38 16.62 3.75
C LEU B 220 -10.47 15.68 4.26
N VAL B 221 -10.10 14.41 4.38
CA VAL B 221 -10.89 13.43 5.12
C VAL B 221 -10.25 13.24 6.49
N LEU B 222 -11.06 13.34 7.54
CA LEU B 222 -10.63 13.06 8.90
C LEU B 222 -11.48 11.96 9.50
N THR B 223 -10.84 11.01 10.17
CA THR B 223 -11.52 9.97 10.93
C THR B 223 -10.89 9.85 12.30
N ALA B 224 -11.69 9.42 13.27
CA ALA B 224 -11.20 9.27 14.63
C ALA B 224 -12.04 8.24 15.37
N ILE B 225 -11.37 7.45 16.21
CA ILE B 225 -12.01 6.50 17.09
C ILE B 225 -11.54 6.79 18.50
N VAL B 226 -12.48 6.93 19.43
CA VAL B 226 -12.19 7.16 20.84
C VAL B 226 -12.89 6.06 21.63
N LEU B 227 -12.10 5.12 22.16
CA LEU B 227 -12.64 4.01 22.94
C LEU B 227 -12.71 4.43 24.40
N ALA B 228 -13.91 4.39 24.97
CA ALA B 228 -14.08 4.78 26.36
C ALA B 228 -13.49 3.74 27.30
N GLY B 229 -12.83 4.20 28.35
CA GLY B 229 -12.22 3.32 29.33
C GLY B 229 -13.22 2.81 30.36
N1A COA C . -3.28 -7.47 -13.78
C2A COA C . -2.11 -7.50 -14.52
N3A COA C . -1.31 -6.50 -14.92
C4A COA C . -1.73 -5.25 -14.49
C5A COA C . -2.93 -5.08 -13.69
C6A COA C . -3.69 -6.23 -13.35
N6A COA C . -4.85 -6.19 -12.61
N7A COA C . -3.10 -3.71 -13.41
C8A COA C . -2.04 -3.11 -14.02
N9A COA C . -1.17 -4.00 -14.70
C1B COA C . 0.15 -3.59 -15.48
C2B COA C . -0.10 -2.32 -16.34
O2B COA C . 0.39 -2.54 -17.60
C3B COA C . 0.64 -1.19 -15.49
O3B COA C . 1.21 -0.29 -16.27
P3B COA C . 0.15 0.89 -17.14
O7A COA C . -0.75 1.46 -16.06
O8A COA C . 1.21 1.90 -17.61
O9A COA C . -0.43 0.00 -18.17
C4B COA C . 1.73 -2.05 -14.81
O4B COA C . 1.19 -3.36 -14.65
C5B COA C . 2.20 -1.37 -13.48
O5B COA C . 3.28 -1.99 -13.03
P1A COA C . 4.19 -1.36 -11.65
O1A COA C . 3.10 -1.02 -10.65
O2A COA C . 5.08 -2.55 -11.27
O3A COA C . 4.92 -0.18 -12.25
C01 10I D . 0.30 -12.59 -3.99
C02 10I D . 0.05 -11.41 -4.93
C03 10I D . -0.48 -10.17 -4.18
C05 10I D . -1.03 -7.83 -5.10
C08 10I D . -1.15 -5.46 -6.09
C10 10I D . -0.89 -3.14 -7.11
C11 10I D . -1.21 -2.09 -6.23
C12 10I D . -1.07 -2.17 -4.74
C13 10I D . -2.26 -1.56 -4.00
C14 10I D . -1.67 -0.87 -6.73
C15 10I D . -1.84 -0.68 -8.10
C16 10I D . -1.53 -1.71 -8.97
C17 10I D . -1.05 -2.94 -8.49
C18 10I D . -0.75 -3.97 -9.53
C19 10I D . 0.71 -3.95 -9.96
N04 10I D . -0.09 -8.88 -4.78
N06 10I D . -2.29 -7.82 -4.91
N07 10I D . -0.44 -6.64 -5.69
N09 10I D . -0.38 -4.40 -6.65
O20 10I D . -2.36 -5.36 -5.95
MG MG E . 5.76 -2.64 -9.37
MG MG F . 4.90 1.72 -12.30
C1 GOL G . 14.78 -13.45 -37.27
O1 GOL G . 14.84 -12.85 -36.01
C2 GOL G . 13.28 -13.53 -37.67
O2 GOL G . 12.61 -12.33 -37.46
C3 GOL G . 13.26 -13.99 -39.13
O3 GOL G . 13.19 -12.83 -39.91
C1 GOL H . 20.52 4.52 -3.88
O1 GOL H . 21.50 5.44 -4.29
C2 GOL H . 20.01 3.82 -5.16
O2 GOL H . 19.31 4.67 -5.97
C3 GOL H . 19.23 2.56 -4.71
O3 GOL H . 18.60 2.06 -5.84
N1A COA I . -0.12 1.47 15.85
C2A COA I . -0.57 2.75 16.13
N3A COA I . -0.13 3.94 15.69
C4A COA I . 0.95 3.85 14.84
C5A COA I . 1.53 2.58 14.46
C6A COA I . 0.95 1.39 15.01
N6A COA I . 1.42 0.13 14.71
N7A COA I . 2.60 2.80 13.59
C8A COA I . 2.65 4.14 13.45
N9A COA I . 1.68 4.85 14.20
C1B COA I . 1.49 6.42 14.23
C2B COA I . 2.86 7.15 14.34
O2B COA I . 2.79 8.02 15.38
C3B COA I . 3.04 7.82 12.89
O3B COA I . 3.57 9.04 12.97
P3B COA I . 5.36 9.23 13.22
O7A COA I . 5.57 8.96 14.70
O8A COA I . 5.91 8.09 12.34
O9A COA I . 5.54 10.61 12.70
C4B COA I . 1.55 7.94 12.47
O4B COA I . 0.85 6.87 13.12
C5B COA I . 1.40 7.96 10.93
O5B COA I . 0.15 8.31 10.62
P1A COA I . -0.40 8.46 8.94
O1A COA I . -1.91 8.47 9.08
O2A COA I . 0.20 7.22 8.31
O3A COA I . 0.21 9.77 8.49
C01 10I J . -8.46 -2.82 9.67
C02 10I J . -7.21 -1.96 9.79
C03 10I J . -6.21 -2.23 8.64
C05 10I J . -3.84 -1.27 8.38
C08 10I J . -1.64 0.02 8.03
C10 10I J . 0.32 1.57 7.60
C11 10I J . 1.08 2.03 8.70
C12 10I J . 0.54 2.27 10.07
C13 10I J . -0.51 3.38 10.14
C14 10I J . 2.44 2.31 8.53
C15 10I J . 3.06 2.12 7.31
C16 10I J . 2.33 1.66 6.22
C17 10I J . 0.97 1.39 6.37
C18 10I J . 0.27 0.90 5.13
C19 10I J . 0.16 -0.62 5.12
N04 10I J . -5.28 -1.13 8.35
N06 10I J . -3.18 -2.33 8.69
N07 10I J . -3.07 -0.08 8.06
N09 10I J . -1.08 1.27 7.68
O20 10I J . -0.92 -0.94 8.31
MG MG K . -2.69 7.73 7.41
MG MG L . 1.50 10.46 7.20
S DMS M . -1.33 -1.58 0.29
O DMS M . 0.11 -1.50 -0.08
C1 DMS M . -1.48 -2.15 2.01
C2 DMS M . -2.03 0.09 0.46
C1 GOL N . -7.73 24.09 31.69
O1 GOL N . -7.86 25.46 31.56
C2 GOL N . -6.23 23.78 31.58
O2 GOL N . -5.47 24.61 32.40
C3 GOL N . -6.11 22.31 31.99
O3 GOL N . -4.80 21.92 31.69
#